data_2JR4
#
_entry.id   2JR4
#
_entity_poly.entity_id   1
_entity_poly.type   'polyribonucleotide'
_entity_poly.pdbx_seq_one_letter_code
;CCUCCCUUACAAGGAGG
;
_entity_poly.pdbx_strand_id   A
#